data_5FPA
#
_entry.id   5FPA
#
_cell.length_a   71.525
_cell.length_b   71.525
_cell.length_c   150.366
_cell.angle_alpha   90.00
_cell.angle_beta   90.00
_cell.angle_gamma   90.00
#
_symmetry.space_group_name_H-M   'P 43 21 2'
#
loop_
_entity.id
_entity.type
_entity.pdbx_description
1 polymer 'LYSINE-SPECIFIC DEMETHYLASE 4D'
2 non-polymer 'ZINC ION'
3 non-polymer 'COBALT (II) ION'
4 non-polymer 3H-pyrido[3,4-d]pyrimidin-4-one
5 non-polymer 'SULFATE ION'
6 water water
#
_entity_poly.entity_id   1
_entity_poly.type   'polypeptide(L)'
_entity_poly.pdbx_seq_one_letter_code
;GHMAQNPNCNIMIFHPTKEEFNDFDKYIAYMESQGAHRAGLAKIIPPKEWKARETYDNISEILIATPLQQVASGRAGVFT
QYHKKKKAMTVGEYRHLANSKKYQTPPHQNFEDLERKYWKNRIYNSPIYGADISGSLFDENTKQWNLGHLGTIQDLLEKE
(CSX)GVVIEGVNTPYLYFGMWKTTFAWHTEDMDLYSINYLHLGEPKTWYVVPPEHGQRLERLARELFPGSSRGCGAFLR
HKVALISPTVLKENGIPFNRITQEAGEFMVTFPYGYHAGFNHGFNCAEAINFATPRWIDYGKMASQCSCGEARVTFSMDA
FVRILQPERYDLWKRGQD
;
_entity_poly.pdbx_strand_id   A
#
loop_
_chem_comp.id
_chem_comp.type
_chem_comp.name
_chem_comp.formula
CO non-polymer 'COBALT (II) ION' 'Co 2'
N5J non-polymer 3H-pyrido[3,4-d]pyrimidin-4-one 'C7 H5 N3 O'
SO4 non-polymer 'SULFATE ION' 'O4 S -2'
ZN non-polymer 'ZINC ION' 'Zn 2'
#
# COMPACT_ATOMS: atom_id res chain seq x y z
N ALA A 4 9.57 -0.59 26.45
CA ALA A 4 9.24 -0.60 24.99
C ALA A 4 7.73 -0.73 24.80
N GLN A 5 7.14 0.21 24.05
CA GLN A 5 5.70 0.20 23.78
C GLN A 5 5.39 -0.79 22.66
N ASN A 6 4.22 -1.43 22.76
CA ASN A 6 3.75 -2.40 21.75
C ASN A 6 4.77 -3.49 21.39
N PRO A 7 5.29 -4.20 22.42
CA PRO A 7 6.31 -5.23 22.19
C PRO A 7 5.83 -6.43 21.37
N ASN A 8 4.54 -6.77 21.45
CA ASN A 8 3.98 -7.85 20.60
C ASN A 8 3.77 -7.40 19.14
N CYS A 9 3.96 -6.11 18.85
CA CYS A 9 3.79 -5.56 17.49
C CYS A 9 2.35 -5.71 16.96
N ASN A 10 1.38 -5.47 17.83
CA ASN A 10 -0.04 -5.50 17.45
C ASN A 10 -0.40 -4.29 16.62
N ILE A 11 -1.34 -4.47 15.69
CA ILE A 11 -1.88 -3.36 14.90
C ILE A 11 -2.78 -2.53 15.80
N MET A 12 -2.45 -1.25 15.95
CA MET A 12 -3.17 -0.36 16.84
C MET A 12 -4.20 0.49 16.08
N ILE A 13 -5.32 0.78 16.75
CA ILE A 13 -6.41 1.54 16.19
C ILE A 13 -6.57 2.83 16.98
N PHE A 14 -6.59 3.97 16.29
CA PHE A 14 -6.59 5.28 16.93
C PHE A 14 -7.88 6.06 16.63
N HIS A 15 -8.36 6.80 17.63
CA HIS A 15 -9.58 7.60 17.52
C HIS A 15 -9.30 9.03 17.88
N PRO A 16 -8.59 9.77 17.01
CA PRO A 16 -8.29 11.17 17.31
C PRO A 16 -9.53 12.05 17.47
N THR A 17 -9.46 12.97 18.42
CA THR A 17 -10.44 14.04 18.53
C THR A 17 -10.20 15.00 17.36
N LYS A 18 -11.17 15.85 17.08
CA LYS A 18 -11.01 16.86 16.02
C LYS A 18 -9.80 17.77 16.32
N GLU A 19 -9.57 18.05 17.60
CA GLU A 19 -8.43 18.84 18.03
C GLU A 19 -7.11 18.14 17.71
N GLU A 20 -7.06 16.83 17.98
CA GLU A 20 -5.87 16.02 17.70
C GLU A 20 -5.67 15.76 16.21
N PHE A 21 -6.73 15.92 15.42
CA PHE A 21 -6.70 15.69 13.97
C PHE A 21 -6.15 16.90 13.22
N ASN A 22 -5.79 17.97 13.94
CA ASN A 22 -5.43 19.22 13.32
C ASN A 22 -3.96 19.32 12.89
N ASP A 23 -3.10 18.48 13.48
CA ASP A 23 -1.67 18.52 13.19
C ASP A 23 -1.20 17.11 12.82
N PHE A 24 -1.08 16.86 11.52
CA PHE A 24 -0.76 15.53 10.99
C PHE A 24 0.55 14.96 11.57
N ASP A 25 1.63 15.70 11.42
CA ASP A 25 2.95 15.28 11.92
C ASP A 25 2.95 14.98 13.41
N LYS A 26 2.27 15.84 14.18
CA LYS A 26 2.16 15.65 15.62
C LYS A 26 1.49 14.31 15.96
N TYR A 27 0.41 13.98 15.26
CA TYR A 27 -0.34 12.76 15.59
C TYR A 27 0.37 11.49 15.14
N ILE A 28 1.07 11.55 14.00
CA ILE A 28 1.91 10.42 13.58
C ILE A 28 2.99 10.18 14.65
N ALA A 29 3.62 11.24 15.12
CA ALA A 29 4.61 11.14 16.21
C ALA A 29 3.98 10.57 17.49
N TYR A 30 2.77 11.01 17.82
CA TYR A 30 2.04 10.47 18.98
C TYR A 30 1.81 8.96 18.83
N MET A 31 1.28 8.56 17.69
CA MET A 31 1.06 7.14 17.42
C MET A 31 2.33 6.34 17.65
N GLU A 32 3.45 6.86 17.15
CA GLU A 32 4.72 6.17 17.32
C GLU A 32 5.19 6.16 18.77
N SER A 33 4.89 7.21 19.53
CA SER A 33 5.19 7.22 20.97
C SER A 33 4.49 6.08 21.71
N GLN A 34 3.38 5.60 21.16
CA GLN A 34 2.66 4.44 21.71
C GLN A 34 3.08 3.11 21.06
N GLY A 35 4.11 3.14 20.22
CA GLY A 35 4.65 1.93 19.59
C GLY A 35 3.89 1.44 18.36
N ALA A 36 3.04 2.29 17.80
CA ALA A 36 2.20 1.88 16.65
C ALA A 36 3.00 1.37 15.46
N HIS A 37 4.12 2.02 15.21
CA HIS A 37 5.01 1.64 14.09
C HIS A 37 5.52 0.23 14.15
N ARG A 38 5.64 -0.34 15.35
CA ARG A 38 6.21 -1.68 15.49
C ARG A 38 5.39 -2.75 14.77
N ALA A 39 4.08 -2.51 14.63
CA ALA A 39 3.20 -3.40 13.86
C ALA A 39 3.45 -3.32 12.36
N GLY A 40 3.93 -2.15 11.89
CA GLY A 40 4.11 -1.89 10.46
C GLY A 40 2.90 -1.26 9.81
N LEU A 41 1.78 -1.22 10.54
CA LEU A 41 0.49 -0.75 10.03
C LEU A 41 -0.37 -0.29 11.20
N ALA A 42 -1.09 0.82 11.00
CA ALA A 42 -2.02 1.33 12.02
C ALA A 42 -3.30 1.80 11.35
N LYS A 43 -4.42 1.69 12.06
CA LYS A 43 -5.71 2.22 11.62
C LYS A 43 -6.01 3.51 12.37
N ILE A 44 -6.44 4.52 11.63
CA ILE A 44 -6.89 5.77 12.22
C ILE A 44 -8.35 6.04 11.82
N ILE A 45 -9.22 6.09 12.83
CA ILE A 45 -10.63 6.40 12.67
CA ILE A 45 -10.62 6.39 12.64
C ILE A 45 -10.81 7.91 12.83
N PRO A 46 -11.22 8.62 11.77
CA PRO A 46 -11.34 10.08 11.92
C PRO A 46 -12.42 10.53 12.89
N PRO A 47 -12.33 11.78 13.38
CA PRO A 47 -13.37 12.32 14.25
C PRO A 47 -14.73 12.28 13.55
N LYS A 48 -15.78 12.04 14.32
CA LYS A 48 -17.15 11.94 13.79
C LYS A 48 -17.59 13.15 12.95
N GLU A 49 -17.04 14.34 13.23
CA GLU A 49 -17.43 15.56 12.50
C GLU A 49 -16.61 15.82 11.23
N TRP A 50 -15.67 14.93 10.94
CA TRP A 50 -14.78 15.11 9.78
C TRP A 50 -15.35 14.38 8.59
N LYS A 51 -15.08 14.92 7.39
CA LYS A 51 -15.43 14.24 6.13
C LYS A 51 -14.41 14.55 5.04
N ALA A 52 -14.19 13.60 4.13
CA ALA A 52 -13.25 13.77 3.01
C ALA A 52 -13.81 14.72 1.96
N ARG A 53 -15.09 14.54 1.62
CA ARG A 53 -15.81 15.42 0.70
C ARG A 53 -17.30 15.30 0.98
N GLU A 54 -18.11 16.11 0.31
CA GLU A 54 -19.54 16.16 0.56
C GLU A 54 -20.26 14.88 0.17
N THR A 55 -20.13 14.47 -1.09
CA THR A 55 -20.72 13.20 -1.57
C THR A 55 -19.81 12.52 -2.60
N TYR A 56 -20.11 11.26 -2.90
CA TYR A 56 -19.44 10.55 -3.98
C TYR A 56 -20.39 10.30 -5.13
N ASP A 57 -21.31 11.24 -5.34
CA ASP A 57 -22.34 11.11 -6.38
C ASP A 57 -21.85 11.53 -7.75
N ASN A 58 -20.69 12.19 -7.82
CA ASN A 58 -20.22 12.80 -9.05
C ASN A 58 -18.86 12.26 -9.54
N ILE A 59 -18.58 10.98 -9.28
CA ILE A 59 -17.28 10.38 -9.62
C ILE A 59 -17.30 9.40 -10.80
N SER A 60 -18.47 9.22 -11.42
CA SER A 60 -18.64 8.21 -12.47
C SER A 60 -17.87 8.52 -13.76
N GLU A 61 -17.54 9.78 -13.99
CA GLU A 61 -16.86 10.20 -15.23
C GLU A 61 -15.34 10.19 -15.12
N ILE A 62 -14.80 9.86 -13.95
CA ILE A 62 -13.36 9.64 -13.81
C ILE A 62 -12.97 8.53 -14.79
N LEU A 63 -11.84 8.70 -15.47
CA LEU A 63 -11.35 7.69 -16.41
C LEU A 63 -10.30 6.81 -15.77
N ILE A 64 -10.45 5.50 -15.97
CA ILE A 64 -9.42 4.52 -15.66
C ILE A 64 -8.78 4.20 -17.00
N ALA A 65 -7.70 4.91 -17.32
CA ALA A 65 -7.08 4.85 -18.64
C ALA A 65 -6.59 3.45 -18.98
N THR A 66 -6.02 2.75 -18.00
CA THR A 66 -5.46 1.41 -18.21
C THR A 66 -5.84 0.46 -17.08
N PRO A 67 -7.07 -0.07 -17.12
CA PRO A 67 -7.43 -1.10 -16.13
C PRO A 67 -6.51 -2.31 -16.26
N LEU A 68 -6.16 -2.93 -15.14
CA LEU A 68 -5.22 -4.03 -15.13
C LEU A 68 -5.89 -5.31 -14.69
N GLN A 69 -5.91 -6.32 -15.56
CA GLN A 69 -6.41 -7.64 -15.20
C GLN A 69 -5.30 -8.40 -14.49
N GLN A 70 -5.58 -8.84 -13.27
CA GLN A 70 -4.59 -9.47 -12.41
C GLN A 70 -4.61 -11.01 -12.57
N VAL A 71 -3.65 -11.52 -13.33
CA VAL A 71 -3.61 -12.93 -13.69
C VAL A 71 -2.60 -13.67 -12.83
N ALA A 72 -3.04 -14.73 -12.14
CA ALA A 72 -2.20 -15.42 -11.17
C ALA A 72 -1.55 -16.67 -11.77
N SER A 73 -0.39 -17.03 -11.22
CA SER A 73 0.30 -18.29 -11.52
C SER A 73 0.85 -18.86 -10.22
N GLY A 74 0.76 -20.17 -10.04
CA GLY A 74 1.32 -20.82 -8.85
C GLY A 74 0.27 -21.68 -8.18
N ARG A 75 0.32 -21.77 -6.85
CA ARG A 75 -0.69 -22.48 -6.09
CA ARG A 75 -0.69 -22.48 -6.09
C ARG A 75 -1.53 -21.50 -5.27
N ALA A 76 -2.61 -21.99 -4.69
CA ALA A 76 -3.60 -21.12 -4.01
C ALA A 76 -2.99 -20.22 -2.94
N GLY A 77 -2.09 -20.77 -2.12
CA GLY A 77 -1.46 -20.03 -1.02
C GLY A 77 -0.12 -19.38 -1.34
N VAL A 78 0.42 -19.67 -2.51
CA VAL A 78 1.72 -19.15 -2.95
C VAL A 78 1.66 -18.94 -4.46
N PHE A 79 1.46 -17.69 -4.88
CA PHE A 79 1.36 -17.39 -6.30
C PHE A 79 1.96 -16.03 -6.64
N THR A 80 2.24 -15.86 -7.92
CA THR A 80 2.62 -14.57 -8.44
C THR A 80 1.46 -14.08 -9.30
N GLN A 81 1.34 -12.76 -9.45
CA GLN A 81 0.36 -12.23 -10.38
C GLN A 81 1.03 -11.25 -11.33
N TYR A 82 0.62 -11.27 -12.58
CA TYR A 82 1.05 -10.28 -13.55
C TYR A 82 -0.17 -9.47 -13.97
N HIS A 83 0.08 -8.30 -14.55
CA HIS A 83 -0.96 -7.37 -14.93
C HIS A 83 -1.09 -7.27 -16.41
N LYS A 84 -2.26 -7.63 -16.91
CA LYS A 84 -2.57 -7.55 -18.33
C LYS A 84 -3.36 -6.27 -18.54
N LYS A 85 -2.90 -5.43 -19.47
CA LYS A 85 -3.56 -4.15 -19.74
C LYS A 85 -4.87 -4.36 -20.48
N LYS A 86 -5.90 -3.64 -20.05
CA LYS A 86 -7.22 -3.69 -20.70
C LYS A 86 -7.55 -2.31 -21.25
N LYS A 87 -8.59 -2.24 -22.06
CA LYS A 87 -9.00 -0.97 -22.66
C LYS A 87 -9.59 -0.04 -21.60
N ALA A 88 -9.50 1.27 -21.84
CA ALA A 88 -9.98 2.28 -20.92
C ALA A 88 -11.47 2.13 -20.61
N MET A 89 -11.83 2.48 -19.39
CA MET A 89 -13.25 2.58 -19.02
C MET A 89 -13.41 3.62 -17.92
N THR A 90 -14.61 4.18 -17.82
CA THR A 90 -14.91 5.15 -16.78
C THR A 90 -15.13 4.42 -15.46
N VAL A 91 -15.11 5.16 -14.36
CA VAL A 91 -15.43 4.58 -13.06
C VAL A 91 -16.86 4.01 -13.05
N GLY A 92 -17.79 4.71 -13.70
CA GLY A 92 -19.15 4.21 -13.89
C GLY A 92 -19.20 2.83 -14.53
N GLU A 93 -18.48 2.67 -15.64
CA GLU A 93 -18.37 1.37 -16.31
C GLU A 93 -17.66 0.31 -15.45
N TYR A 94 -16.61 0.73 -14.75
CA TYR A 94 -15.88 -0.18 -13.86
C TYR A 94 -16.76 -0.69 -12.70
N ARG A 95 -17.54 0.22 -12.12
CA ARG A 95 -18.45 -0.13 -11.03
C ARG A 95 -19.48 -1.16 -11.50
N HIS A 96 -20.05 -0.93 -12.69
CA HIS A 96 -20.97 -1.88 -13.28
C HIS A 96 -20.33 -3.24 -13.51
N LEU A 97 -19.11 -3.24 -14.01
CA LEU A 97 -18.35 -4.49 -14.22
C LEU A 97 -18.09 -5.24 -12.90
N ALA A 98 -17.61 -4.49 -11.90
CA ALA A 98 -17.39 -5.02 -10.55
C ALA A 98 -18.66 -5.70 -9.99
N ASN A 99 -19.82 -5.13 -10.28
CA ASN A 99 -21.09 -5.63 -9.74
C ASN A 99 -21.76 -6.71 -10.60
N SER A 100 -21.18 -7.02 -11.75
CA SER A 100 -21.71 -8.06 -12.63
C SER A 100 -21.52 -9.46 -12.02
N LYS A 101 -22.26 -10.42 -12.53
CA LYS A 101 -22.21 -11.79 -12.03
CA LYS A 101 -22.21 -11.78 -12.00
C LYS A 101 -20.78 -12.35 -12.04
N LYS A 102 -20.04 -12.04 -13.09
CA LYS A 102 -18.67 -12.56 -13.25
C LYS A 102 -17.73 -12.10 -12.14
N TYR A 103 -17.88 -10.86 -11.68
CA TYR A 103 -16.90 -10.26 -10.77
C TYR A 103 -17.42 -9.93 -9.37
N GLN A 104 -18.71 -10.04 -9.12
CA GLN A 104 -19.31 -9.59 -7.85
C GLN A 104 -18.85 -10.45 -6.66
N THR A 105 -18.79 -9.82 -5.50
CA THR A 105 -18.54 -10.51 -4.24
C THR A 105 -19.55 -11.65 -4.05
N PRO A 106 -19.07 -12.86 -3.72
CA PRO A 106 -19.99 -13.98 -3.55
C PRO A 106 -20.72 -13.90 -2.21
N PRO A 107 -21.83 -14.66 -2.08
CA PRO A 107 -22.45 -14.78 -0.76
C PRO A 107 -21.43 -15.27 0.26
N HIS A 108 -21.51 -14.72 1.47
CA HIS A 108 -20.59 -15.08 2.54
C HIS A 108 -21.19 -14.72 3.86
N GLN A 109 -20.75 -15.40 4.91
CA GLN A 109 -21.30 -15.20 6.24
C GLN A 109 -20.71 -13.98 6.95
N ASN A 110 -19.42 -13.72 6.74
CA ASN A 110 -18.70 -12.65 7.44
C ASN A 110 -17.32 -12.37 6.81
N PHE A 111 -16.54 -11.46 7.40
CA PHE A 111 -15.18 -11.18 6.89
C PHE A 111 -14.31 -12.44 6.86
N GLU A 112 -14.45 -13.30 7.87
CA GLU A 112 -13.63 -14.52 7.99
C GLU A 112 -13.93 -15.51 6.86
N ASP A 113 -15.23 -15.69 6.57
CA ASP A 113 -15.67 -16.53 5.46
C ASP A 113 -15.15 -15.99 4.13
N LEU A 114 -15.20 -14.67 3.96
CA LEU A 114 -14.74 -14.04 2.73
C LEU A 114 -13.23 -14.23 2.54
N GLU A 115 -12.47 -14.10 3.63
CA GLU A 115 -11.03 -14.34 3.61
C GLU A 115 -10.70 -15.77 3.19
N ARG A 116 -11.43 -16.73 3.75
CA ARG A 116 -11.28 -18.14 3.40
C ARG A 116 -11.52 -18.35 1.90
N LYS A 117 -12.60 -17.75 1.39
CA LYS A 117 -12.95 -17.83 -0.03
C LYS A 117 -11.90 -17.20 -0.94
N TYR A 118 -11.36 -16.07 -0.50
CA TYR A 118 -10.30 -15.40 -1.25
C TYR A 118 -9.09 -16.32 -1.44
N TRP A 119 -8.56 -16.87 -0.35
CA TRP A 119 -7.33 -17.67 -0.44
C TRP A 119 -7.55 -19.00 -1.10
N LYS A 120 -8.75 -19.56 -0.96
CA LYS A 120 -9.10 -20.80 -1.63
C LYS A 120 -9.22 -20.60 -3.15
N ASN A 121 -9.87 -19.52 -3.56
CA ASN A 121 -10.34 -19.35 -4.93
C ASN A 121 -9.65 -18.27 -5.79
N ARG A 122 -8.88 -17.36 -5.17
CA ARG A 122 -8.32 -16.20 -5.87
C ARG A 122 -7.62 -16.54 -7.19
N ILE A 123 -6.78 -17.58 -7.20
CA ILE A 123 -5.96 -17.87 -8.38
C ILE A 123 -6.77 -18.29 -9.62
N TYR A 124 -7.99 -18.80 -9.41
CA TYR A 124 -8.85 -19.29 -10.49
C TYR A 124 -9.68 -18.21 -11.18
N ASN A 125 -9.54 -16.97 -10.73
CA ASN A 125 -10.18 -15.84 -11.40
C ASN A 125 -9.16 -14.74 -11.63
N SER A 126 -9.47 -13.84 -12.56
CA SER A 126 -8.59 -12.73 -12.87
C SER A 126 -9.37 -11.43 -12.78
N PRO A 127 -9.42 -10.83 -11.58
CA PRO A 127 -10.14 -9.58 -11.43
C PRO A 127 -9.41 -8.41 -12.07
N ILE A 128 -10.13 -7.32 -12.30
CA ILE A 128 -9.60 -6.15 -12.98
C ILE A 128 -9.50 -5.01 -11.97
N TYR A 129 -8.34 -4.35 -11.95
CA TYR A 129 -8.02 -3.36 -10.93
C TYR A 129 -7.70 -2.03 -11.59
N GLY A 130 -8.32 -0.96 -11.08
CA GLY A 130 -8.01 0.39 -11.53
C GLY A 130 -7.04 1.03 -10.56
N ALA A 131 -5.75 0.74 -10.74
CA ALA A 131 -4.71 1.14 -9.79
C ALA A 131 -3.86 2.30 -10.30
N ASP A 132 -3.27 3.03 -9.34
CA ASP A 132 -2.25 4.04 -9.61
C ASP A 132 -2.74 5.13 -10.57
N ILE A 133 -3.95 5.63 -10.31
CA ILE A 133 -4.50 6.72 -11.09
C ILE A 133 -4.19 8.02 -10.36
N SER A 134 -3.35 8.87 -10.96
N SER A 134 -3.37 8.87 -10.96
CA SER A 134 -3.02 10.16 -10.37
CA SER A 134 -3.03 10.16 -10.38
C SER A 134 -4.28 11.01 -10.18
C SER A 134 -4.29 11.00 -10.19
N GLY A 135 -4.49 11.50 -8.96
CA GLY A 135 -5.67 12.31 -8.65
C GLY A 135 -6.12 12.21 -7.20
N SER A 136 -7.15 12.96 -6.85
CA SER A 136 -7.63 13.01 -5.46
C SER A 136 -9.14 13.19 -5.42
N LEU A 137 -9.76 12.58 -4.41
CA LEU A 137 -11.19 12.79 -4.14
C LEU A 137 -11.43 13.63 -2.89
N PHE A 138 -10.38 14.16 -2.28
CA PHE A 138 -10.54 15.07 -1.15
C PHE A 138 -10.99 16.43 -1.64
N ASP A 139 -11.97 17.00 -0.96
CA ASP A 139 -12.41 18.34 -1.29
C ASP A 139 -11.32 19.33 -0.88
N GLU A 140 -11.09 20.33 -1.74
CA GLU A 140 -10.10 21.37 -1.44
C GLU A 140 -10.33 22.02 -0.07
N ASN A 141 -11.58 22.08 0.36
CA ASN A 141 -11.93 22.70 1.64
C ASN A 141 -11.74 21.79 2.85
N THR A 142 -11.38 20.52 2.64
CA THR A 142 -11.03 19.63 3.73
C THR A 142 -9.62 19.97 4.20
N LYS A 143 -9.53 20.49 5.43
CA LYS A 143 -8.29 21.07 5.95
C LYS A 143 -7.45 20.09 6.77
N GLN A 144 -8.07 19.00 7.24
CA GLN A 144 -7.39 18.03 8.08
C GLN A 144 -7.21 16.71 7.31
N TRP A 145 -6.00 16.17 7.32
CA TRP A 145 -5.71 14.85 6.77
C TRP A 145 -6.15 14.72 5.33
N ASN A 146 -5.96 15.81 4.59
CA ASN A 146 -6.22 15.85 3.14
C ASN A 146 -4.96 15.33 2.48
N LEU A 147 -5.06 14.16 1.85
CA LEU A 147 -3.87 13.47 1.32
C LEU A 147 -3.18 14.18 0.16
N GLY A 148 -3.85 15.17 -0.44
CA GLY A 148 -3.23 16.04 -1.43
C GLY A 148 -2.58 17.30 -0.87
N HIS A 149 -2.73 17.53 0.43
CA HIS A 149 -2.16 18.72 1.09
C HIS A 149 -1.25 18.33 2.22
N LEU A 150 -0.55 17.21 2.07
CA LEU A 150 0.45 16.81 3.07
C LEU A 150 1.78 17.44 2.69
N GLY A 151 2.69 17.55 3.65
CA GLY A 151 4.05 17.99 3.37
C GLY A 151 4.70 17.00 2.42
N THR A 152 5.50 17.51 1.47
CA THR A 152 6.10 16.64 0.46
C THR A 152 7.33 15.94 1.04
N ILE A 153 7.66 14.79 0.45
CA ILE A 153 8.84 14.04 0.86
CA ILE A 153 8.84 14.03 0.86
C ILE A 153 10.11 14.82 0.50
N GLN A 154 10.06 15.56 -0.60
CA GLN A 154 11.19 16.38 -1.01
C GLN A 154 11.48 17.49 0.00
N ASP A 155 10.42 18.08 0.56
CA ASP A 155 10.60 19.12 1.58
C ASP A 155 11.08 18.56 2.91
N LEU A 156 10.64 17.34 3.24
CA LEU A 156 11.12 16.66 4.45
C LEU A 156 12.62 16.35 4.31
N LEU A 157 13.02 15.81 3.17
CA LEU A 157 14.43 15.47 2.92
CA LEU A 157 14.43 15.47 2.92
C LEU A 157 15.29 16.73 2.99
N GLU A 158 14.78 17.83 2.44
CA GLU A 158 15.46 19.13 2.48
C GLU A 158 15.60 19.63 3.92
N LYS A 159 14.53 19.51 4.69
CA LYS A 159 14.52 19.97 6.09
C LYS A 159 15.50 19.17 6.96
N GLU A 160 15.63 17.88 6.69
CA GLU A 160 16.50 17.01 7.49
C GLU A 160 17.95 17.00 7.03
N CSX A 161 18.15 17.02 5.71
CA CSX A 161 19.48 16.86 5.12
CB CSX A 161 19.46 15.74 4.06
SG CSX A 161 18.95 14.19 4.64
C CSX A 161 20.08 18.14 4.55
O CSX A 161 21.26 18.17 4.20
OD CSX A 161 19.92 13.83 5.80
N GLY A 162 19.27 19.20 4.46
CA GLY A 162 19.75 20.52 4.04
C GLY A 162 20.00 20.67 2.56
N VAL A 163 19.45 19.75 1.77
CA VAL A 163 19.65 19.73 0.32
C VAL A 163 18.30 19.91 -0.38
N VAL A 164 18.20 20.88 -1.28
CA VAL A 164 17.00 21.02 -2.10
C VAL A 164 17.06 20.00 -3.25
N ILE A 165 15.95 19.32 -3.51
CA ILE A 165 15.91 18.36 -4.63
C ILE A 165 14.67 18.57 -5.50
N GLU A 166 14.79 18.14 -6.75
CA GLU A 166 13.68 18.12 -7.68
C GLU A 166 12.65 17.07 -7.26
N GLY A 167 11.45 17.19 -7.79
CA GLY A 167 10.44 16.17 -7.64
C GLY A 167 9.21 16.67 -6.92
N VAL A 168 8.09 16.02 -7.22
CA VAL A 168 6.83 16.28 -6.55
C VAL A 168 6.30 14.91 -6.11
N ASN A 169 5.42 14.89 -5.13
CA ASN A 169 4.67 13.67 -4.86
C ASN A 169 3.21 13.98 -4.61
N THR A 170 2.35 13.29 -5.35
CA THR A 170 0.93 13.55 -5.38
C THR A 170 0.17 12.24 -5.14
N PRO A 171 -1.11 12.35 -4.78
CA PRO A 171 -1.86 11.15 -4.41
C PRO A 171 -2.30 10.33 -5.62
N TYR A 172 -2.65 9.07 -5.36
CA TYR A 172 -3.14 8.17 -6.39
C TYR A 172 -4.46 7.56 -5.94
N LEU A 173 -5.32 7.25 -6.91
CA LEU A 173 -6.60 6.59 -6.66
C LEU A 173 -6.51 5.13 -7.07
N TYR A 174 -7.26 4.29 -6.35
CA TYR A 174 -7.31 2.84 -6.59
C TYR A 174 -8.77 2.41 -6.59
N PHE A 175 -9.26 1.98 -7.74
CA PHE A 175 -10.61 1.47 -7.87
C PHE A 175 -10.55 -0.04 -7.90
N GLY A 176 -11.18 -0.67 -6.90
CA GLY A 176 -11.05 -2.10 -6.67
C GLY A 176 -12.35 -2.85 -6.90
N MET A 177 -12.23 -4.16 -7.01
CA MET A 177 -13.40 -5.05 -7.04
C MET A 177 -13.02 -6.30 -6.24
N TRP A 178 -13.99 -7.21 -6.05
CA TRP A 178 -13.73 -8.47 -5.36
C TRP A 178 -12.52 -9.18 -5.92
N LYS A 179 -11.65 -9.64 -5.01
CA LYS A 179 -10.40 -10.36 -5.32
C LYS A 179 -9.23 -9.53 -5.84
N THR A 180 -9.43 -8.25 -6.14
CA THR A 180 -8.30 -7.43 -6.56
C THR A 180 -7.28 -7.43 -5.42
N THR A 181 -6.01 -7.53 -5.78
CA THR A 181 -4.96 -7.92 -4.85
C THR A 181 -3.78 -6.97 -4.92
N PHE A 182 -3.26 -6.59 -3.75
CA PHE A 182 -1.94 -5.96 -3.68
C PHE A 182 -0.92 -6.94 -3.08
N ALA A 183 0.16 -7.14 -3.82
CA ALA A 183 1.18 -8.14 -3.49
C ALA A 183 2.04 -7.64 -2.34
N TRP A 184 2.80 -8.56 -1.76
CA TRP A 184 3.71 -8.26 -0.65
C TRP A 184 4.77 -7.27 -1.04
N HIS A 185 4.86 -6.16 -0.31
CA HIS A 185 5.85 -5.13 -0.61
C HIS A 185 6.01 -4.16 0.53
N THR A 186 7.12 -3.42 0.52
CA THR A 186 7.24 -2.20 1.29
C THR A 186 7.16 -1.05 0.30
N GLU A 187 7.04 0.18 0.79
CA GLU A 187 6.98 1.33 -0.10
C GLU A 187 8.32 1.60 -0.77
N ASP A 188 8.28 2.36 -1.87
CA ASP A 188 9.51 2.83 -2.51
C ASP A 188 10.38 3.54 -1.47
N MET A 189 11.68 3.25 -1.47
CA MET A 189 12.63 3.79 -0.48
C MET A 189 12.19 3.55 0.97
N ASP A 190 11.36 2.54 1.17
CA ASP A 190 10.79 2.20 2.50
C ASP A 190 10.12 3.40 3.19
N LEU A 191 9.40 4.18 2.39
CA LEU A 191 8.64 5.33 2.88
C LEU A 191 7.42 4.87 3.67
N TYR A 192 6.78 5.83 4.35
CA TYR A 192 5.46 5.60 4.90
C TYR A 192 4.47 5.68 3.76
N SER A 193 3.28 5.15 3.99
CA SER A 193 2.14 5.43 3.11
CA SER A 193 2.14 5.40 3.12
C SER A 193 0.93 5.68 3.99
N ILE A 194 0.00 6.47 3.46
CA ILE A 194 -1.28 6.66 4.10
C ILE A 194 -2.36 6.38 3.06
N ASN A 195 -3.39 5.65 3.46
CA ASN A 195 -4.42 5.13 2.57
C ASN A 195 -5.78 5.45 3.19
N TYR A 196 -6.64 6.14 2.43
CA TYR A 196 -8.01 6.43 2.87
C TYR A 196 -8.99 5.69 1.97
N LEU A 197 -9.90 4.93 2.59
CA LEU A 197 -10.92 4.21 1.86
C LEU A 197 -12.14 5.12 1.75
N HIS A 198 -12.30 5.72 0.57
CA HIS A 198 -13.34 6.70 0.31
C HIS A 198 -14.71 6.11 0.34
N LEU A 199 -14.88 4.93 -0.25
CA LEU A 199 -16.21 4.42 -0.50
C LEU A 199 -16.18 2.95 -0.85
N GLY A 200 -17.31 2.28 -0.59
CA GLY A 200 -17.52 0.93 -1.04
C GLY A 200 -17.11 -0.11 -0.02
N GLU A 201 -16.81 -1.30 -0.53
CA GLU A 201 -16.58 -2.47 0.31
C GLU A 201 -15.19 -2.45 0.95
N PRO A 202 -14.98 -3.29 1.98
CA PRO A 202 -13.71 -3.21 2.71
C PRO A 202 -12.47 -3.67 1.95
N LYS A 203 -11.33 -3.46 2.60
CA LYS A 203 -10.01 -3.89 2.15
C LYS A 203 -9.34 -4.59 3.33
N THR A 204 -8.93 -5.83 3.13
CA THR A 204 -8.26 -6.59 4.17
C THR A 204 -6.76 -6.51 3.95
N TRP A 205 -6.04 -6.23 5.05
CA TRP A 205 -4.60 -6.01 5.04
C TRP A 205 -3.91 -7.07 5.83
N TYR A 206 -2.71 -7.43 5.36
CA TYR A 206 -1.77 -8.27 6.10
C TYR A 206 -0.47 -7.49 6.23
N VAL A 207 0.22 -7.65 7.36
CA VAL A 207 1.44 -6.89 7.60
C VAL A 207 2.43 -7.67 8.49
N VAL A 208 3.71 -7.52 8.16
CA VAL A 208 4.80 -8.06 8.95
C VAL A 208 5.50 -6.91 9.68
N PRO A 209 5.73 -7.05 11.00
CA PRO A 209 6.48 -6.03 11.75
C PRO A 209 7.82 -5.69 11.09
N PRO A 210 8.15 -4.39 10.96
CA PRO A 210 9.45 -3.98 10.36
C PRO A 210 10.68 -4.68 10.94
N GLU A 211 10.67 -4.95 12.25
CA GLU A 211 11.80 -5.63 12.88
C GLU A 211 11.97 -7.09 12.40
N HIS A 212 10.93 -7.65 11.76
CA HIS A 212 10.98 -9.01 11.22
C HIS A 212 10.85 -9.09 9.72
N GLY A 213 11.03 -7.97 9.02
CA GLY A 213 10.93 -7.94 7.57
C GLY A 213 11.84 -8.92 6.84
N GLN A 214 13.07 -9.06 7.31
CA GLN A 214 14.03 -9.96 6.66
C GLN A 214 13.62 -11.43 6.72
N ARG A 215 12.78 -11.79 7.70
CA ARG A 215 12.21 -13.13 7.78
C ARG A 215 11.26 -13.41 6.61
N LEU A 216 10.44 -12.42 6.25
CA LEU A 216 9.55 -12.55 5.11
C LEU A 216 10.35 -12.64 3.80
N GLU A 217 11.36 -11.80 3.68
CA GLU A 217 12.26 -11.84 2.51
C GLU A 217 12.88 -13.21 2.32
N ARG A 218 13.40 -13.78 3.41
CA ARG A 218 14.00 -15.11 3.39
CA ARG A 218 14.01 -15.10 3.40
C ARG A 218 13.03 -16.17 2.91
N LEU A 219 11.79 -16.13 3.42
CA LEU A 219 10.76 -17.08 2.99
C LEU A 219 10.40 -16.86 1.52
N ALA A 220 10.30 -15.59 1.11
CA ALA A 220 9.95 -15.27 -0.26
C ALA A 220 11.00 -15.83 -1.23
N ARG A 221 12.27 -15.70 -0.88
CA ARG A 221 13.35 -16.26 -1.70
C ARG A 221 13.19 -17.78 -1.85
N GLU A 222 12.79 -18.45 -0.78
CA GLU A 222 12.57 -19.89 -0.81
CA GLU A 222 12.57 -19.90 -0.82
C GLU A 222 11.35 -20.27 -1.65
N LEU A 223 10.27 -19.49 -1.52
CA LEU A 223 9.00 -19.79 -2.20
C LEU A 223 8.97 -19.37 -3.67
N PHE A 224 9.75 -18.36 -4.03
CA PHE A 224 9.84 -17.88 -5.42
C PHE A 224 11.30 -17.92 -5.90
N PRO A 225 11.87 -19.12 -6.05
CA PRO A 225 13.31 -19.25 -6.34
C PRO A 225 13.75 -18.59 -7.67
N GLY A 226 12.92 -18.73 -8.71
CA GLY A 226 13.21 -18.13 -10.00
C GLY A 226 13.26 -16.62 -9.95
N SER A 227 12.20 -16.01 -9.42
CA SER A 227 12.12 -14.55 -9.26
C SER A 227 13.26 -14.00 -8.39
N SER A 228 13.65 -14.77 -7.37
CA SER A 228 14.72 -14.36 -6.47
C SER A 228 16.08 -14.31 -7.17
N ARG A 229 16.37 -15.32 -7.98
CA ARG A 229 17.62 -15.33 -8.76
C ARG A 229 17.69 -14.14 -9.73
N GLY A 230 16.56 -13.79 -10.32
CA GLY A 230 16.50 -12.68 -11.27
C GLY A 230 16.77 -11.31 -10.67
N CYS A 231 16.42 -11.13 -9.40
CA CYS A 231 16.55 -9.83 -8.74
C CYS A 231 16.71 -9.94 -7.23
N GLY A 232 17.73 -9.25 -6.71
CA GLY A 232 18.00 -9.19 -5.27
C GLY A 232 16.87 -8.68 -4.40
N ALA A 233 16.04 -7.78 -4.94
CA ALA A 233 14.88 -7.26 -4.23
C ALA A 233 13.62 -7.41 -5.08
N PHE A 234 13.31 -8.65 -5.46
CA PHE A 234 12.19 -8.93 -6.39
C PHE A 234 10.81 -8.57 -5.81
N LEU A 235 10.67 -8.56 -4.48
CA LEU A 235 9.40 -8.11 -3.87
C LEU A 235 9.05 -6.69 -4.32
N ARG A 236 10.08 -5.90 -4.66
CA ARG A 236 9.89 -4.57 -5.29
C ARG A 236 9.04 -4.63 -6.57
N HIS A 237 9.02 -5.78 -7.23
CA HIS A 237 8.19 -5.95 -8.45
C HIS A 237 6.73 -5.96 -8.13
N LYS A 238 6.40 -6.23 -6.86
CA LYS A 238 5.03 -6.28 -6.37
C LYS A 238 4.22 -7.32 -7.14
N VAL A 239 4.68 -8.57 -7.08
CA VAL A 239 4.03 -9.69 -7.76
C VAL A 239 3.78 -10.92 -6.87
N ALA A 240 4.38 -10.96 -5.68
CA ALA A 240 4.36 -12.17 -4.86
C ALA A 240 3.28 -12.15 -3.79
N LEU A 241 2.47 -13.21 -3.77
CA LEU A 241 1.45 -13.40 -2.74
C LEU A 241 1.73 -14.68 -1.95
N ILE A 242 1.64 -14.56 -0.63
CA ILE A 242 1.81 -15.67 0.30
C ILE A 242 0.67 -15.57 1.30
N SER A 243 -0.06 -16.66 1.50
CA SER A 243 -1.27 -16.64 2.34
C SER A 243 -0.92 -16.66 3.82
N PRO A 244 -1.86 -16.21 4.68
CA PRO A 244 -1.61 -16.28 6.12
C PRO A 244 -1.35 -17.71 6.63
N THR A 245 -2.02 -18.70 6.04
CA THR A 245 -1.79 -20.11 6.39
C THR A 245 -0.33 -20.50 6.14
N VAL A 246 0.21 -20.11 4.99
CA VAL A 246 1.60 -20.40 4.64
C VAL A 246 2.57 -19.64 5.55
N LEU A 247 2.29 -18.37 5.81
CA LEU A 247 3.11 -17.58 6.75
C LEU A 247 3.15 -18.25 8.12
N LYS A 248 1.99 -18.69 8.59
CA LYS A 248 1.87 -19.38 9.87
C LYS A 248 2.68 -20.68 9.88
N GLU A 249 2.57 -21.47 8.81
CA GLU A 249 3.36 -22.71 8.67
C GLU A 249 4.87 -22.46 8.79
N ASN A 250 5.31 -21.30 8.33
CA ASN A 250 6.72 -20.96 8.29
C ASN A 250 7.17 -20.05 9.43
N GLY A 251 6.29 -19.85 10.40
CA GLY A 251 6.61 -19.07 11.59
C GLY A 251 6.91 -17.60 11.34
N ILE A 252 6.31 -17.01 10.30
CA ILE A 252 6.53 -15.59 10.01
C ILE A 252 5.58 -14.77 10.88
N PRO A 253 6.12 -13.85 11.70
CA PRO A 253 5.19 -13.02 12.47
C PRO A 253 4.44 -12.04 11.55
N PHE A 254 3.13 -11.98 11.73
CA PHE A 254 2.30 -11.05 10.96
C PHE A 254 0.99 -10.77 11.68
N ASN A 255 0.27 -9.76 11.18
CA ASN A 255 -1.06 -9.43 11.67
C ASN A 255 -1.97 -9.09 10.50
N ARG A 256 -3.28 -9.19 10.73
CA ARG A 256 -4.28 -8.85 9.73
C ARG A 256 -5.30 -7.89 10.31
N ILE A 257 -5.88 -7.06 9.46
CA ILE A 257 -6.94 -6.15 9.86
C ILE A 257 -7.72 -5.74 8.62
N THR A 258 -9.02 -5.51 8.80
CA THR A 258 -9.88 -5.09 7.69
C THR A 258 -10.24 -3.62 7.83
N GLN A 259 -10.00 -2.87 6.75
CA GLN A 259 -10.26 -1.44 6.67
C GLN A 259 -11.60 -1.26 5.98
N GLU A 260 -12.43 -0.39 6.54
CA GLU A 260 -13.76 -0.10 6.02
C GLU A 260 -13.82 1.35 5.57
N ALA A 261 -14.83 1.66 4.75
CA ALA A 261 -14.98 2.99 4.17
C ALA A 261 -14.99 4.05 5.28
N GLY A 262 -14.25 5.13 5.07
CA GLY A 262 -14.18 6.23 6.03
C GLY A 262 -13.02 6.14 7.02
N GLU A 263 -12.15 5.16 6.81
CA GLU A 263 -11.04 4.89 7.73
C GLU A 263 -9.71 5.04 7.01
N PHE A 264 -8.71 5.55 7.74
CA PHE A 264 -7.34 5.68 7.26
C PHE A 264 -6.51 4.48 7.72
N MET A 265 -5.58 4.06 6.87
CA MET A 265 -4.51 3.15 7.27
C MET A 265 -3.17 3.84 6.99
N VAL A 266 -2.23 3.72 7.92
CA VAL A 266 -0.86 4.17 7.70
C VAL A 266 0.06 2.97 7.75
N THR A 267 0.91 2.82 6.73
CA THR A 267 1.98 1.83 6.76
C THR A 267 3.29 2.56 7.11
N PHE A 268 4.13 1.89 7.88
CA PHE A 268 5.33 2.50 8.44
C PHE A 268 6.55 1.97 7.70
N PRO A 269 7.68 2.71 7.78
CA PRO A 269 8.87 2.32 7.05
C PRO A 269 9.28 0.85 7.23
N TYR A 270 9.46 0.18 6.10
CA TYR A 270 9.88 -1.21 6.03
C TYR A 270 8.86 -2.21 6.62
N GLY A 271 7.59 -1.80 6.66
CA GLY A 271 6.49 -2.70 7.02
C GLY A 271 5.93 -3.37 5.77
N TYR A 272 6.31 -4.63 5.55
CA TYR A 272 5.80 -5.41 4.42
C TYR A 272 4.29 -5.57 4.56
N HIS A 273 3.55 -5.34 3.49
CA HIS A 273 2.10 -5.51 3.52
C HIS A 273 1.53 -6.01 2.23
N ALA A 274 0.32 -6.56 2.32
CA ALA A 274 -0.38 -7.15 1.19
C ALA A 274 -1.85 -7.22 1.58
N GLY A 275 -2.71 -7.50 0.60
CA GLY A 275 -4.12 -7.60 0.90
C GLY A 275 -5.01 -7.69 -0.31
N PHE A 276 -6.31 -7.58 -0.07
CA PHE A 276 -7.29 -7.73 -1.13
C PHE A 276 -8.55 -6.92 -0.85
N ASN A 277 -9.29 -6.62 -1.90
CA ASN A 277 -10.55 -5.88 -1.79
C ASN A 277 -11.74 -6.83 -1.76
N HIS A 278 -12.75 -6.47 -0.96
CA HIS A 278 -13.93 -7.30 -0.76
C HIS A 278 -14.93 -7.15 -1.87
N GLY A 279 -14.88 -6.02 -2.58
CA GLY A 279 -15.89 -5.66 -3.58
C GLY A 279 -15.58 -4.30 -4.15
N PHE A 280 -16.51 -3.74 -4.92
CA PHE A 280 -16.26 -2.44 -5.51
C PHE A 280 -15.91 -1.42 -4.42
N ASN A 281 -14.78 -0.74 -4.59
CA ASN A 281 -14.40 0.33 -3.68
C ASN A 281 -13.46 1.33 -4.34
N CYS A 282 -13.17 2.41 -3.64
CA CYS A 282 -12.23 3.42 -4.09
C CYS A 282 -11.40 3.87 -2.91
N ALA A 283 -10.08 3.73 -3.03
CA ALA A 283 -9.14 4.20 -2.04
C ALA A 283 -8.23 5.26 -2.67
N GLU A 284 -7.69 6.12 -1.81
CA GLU A 284 -6.70 7.11 -2.20
C GLU A 284 -5.48 6.92 -1.30
N ALA A 285 -4.29 6.94 -1.90
CA ALA A 285 -3.06 6.78 -1.13
C ALA A 285 -1.95 7.69 -1.62
N ILE A 286 -1.01 7.96 -0.71
CA ILE A 286 0.20 8.72 -1.04
C ILE A 286 1.31 8.29 -0.09
N ASN A 287 2.56 8.41 -0.53
CA ASN A 287 3.69 8.22 0.38
C ASN A 287 3.99 9.53 1.13
N PHE A 288 4.51 9.41 2.35
CA PHE A 288 5.02 10.56 3.09
C PHE A 288 6.26 10.14 3.89
N ALA A 289 6.94 11.13 4.46
CA ALA A 289 8.12 10.91 5.28
C ALA A 289 8.04 11.70 6.58
N THR A 290 8.80 11.24 7.57
CA THR A 290 9.04 11.96 8.81
C THR A 290 10.55 11.92 9.05
N PRO A 291 11.04 12.66 10.06
CA PRO A 291 12.47 12.57 10.38
C PRO A 291 12.95 11.12 10.62
N ARG A 292 12.10 10.31 11.24
CA ARG A 292 12.42 8.90 11.54
C ARG A 292 12.60 8.04 10.28
N TRP A 293 11.99 8.45 9.17
CA TRP A 293 12.15 7.71 7.92
C TRP A 293 13.55 7.73 7.37
N ILE A 294 14.29 8.82 7.57
CA ILE A 294 15.57 9.03 6.86
C ILE A 294 16.49 7.81 6.94
N ASP A 295 16.70 7.29 8.15
CA ASP A 295 17.59 6.13 8.33
C ASP A 295 17.11 4.86 7.61
N TYR A 296 15.80 4.72 7.42
CA TYR A 296 15.25 3.63 6.61
C TYR A 296 15.51 3.87 5.12
N GLY A 297 15.31 5.11 4.68
CA GLY A 297 15.62 5.50 3.31
C GLY A 297 17.05 5.16 2.94
N LYS A 298 17.97 5.40 3.86
CA LYS A 298 19.40 5.10 3.66
C LYS A 298 19.69 3.61 3.45
N MET A 299 18.84 2.75 4.01
CA MET A 299 19.07 1.30 4.01
C MET A 299 18.17 0.55 3.05
N ALA A 300 17.25 1.25 2.40
CA ALA A 300 16.26 0.60 1.56
C ALA A 300 16.92 -0.17 0.40
N SER A 301 16.44 -1.40 0.17
N SER A 301 16.43 -1.40 0.17
CA SER A 301 16.92 -2.21 -0.95
CA SER A 301 16.89 -2.20 -0.96
C SER A 301 16.34 -1.66 -2.25
C SER A 301 16.36 -1.60 -2.25
N GLN A 302 17.08 -1.80 -3.34
CA GLN A 302 16.66 -1.30 -4.64
C GLN A 302 16.59 -2.41 -5.68
N CYS A 303 15.57 -2.35 -6.52
CA CYS A 303 15.51 -3.18 -7.72
C CYS A 303 16.36 -2.50 -8.79
N SER A 304 17.40 -3.20 -9.25
CA SER A 304 18.27 -2.72 -10.34
C SER A 304 18.17 -3.59 -11.61
N CYS A 305 17.23 -4.53 -11.62
CA CYS A 305 17.06 -5.44 -12.76
C CYS A 305 16.16 -4.85 -13.86
N GLY A 306 15.50 -3.72 -13.58
CA GLY A 306 14.66 -3.03 -14.56
C GLY A 306 13.16 -3.25 -14.41
N GLU A 307 12.76 -4.31 -13.71
CA GLU A 307 11.34 -4.68 -13.61
C GLU A 307 10.50 -3.71 -12.78
N ALA A 308 11.04 -3.25 -11.65
CA ALA A 308 10.29 -2.37 -10.75
C ALA A 308 9.98 -1.01 -11.40
N ARG A 309 8.78 -0.51 -11.17
CA ARG A 309 8.33 0.76 -11.75
C ARG A 309 8.88 1.95 -10.98
N PHE A 312 10.46 8.48 -10.78
CA PHE A 312 10.71 9.87 -11.20
C PHE A 312 11.24 10.68 -10.02
N SER A 313 10.45 10.70 -8.94
CA SER A 313 10.90 11.31 -7.69
C SER A 313 11.97 10.45 -7.01
N MET A 314 11.98 9.15 -7.32
CA MET A 314 12.92 8.22 -6.70
CA MET A 314 12.92 8.19 -6.74
C MET A 314 14.39 8.56 -6.94
N ASP A 315 14.70 9.11 -8.12
CA ASP A 315 16.08 9.43 -8.49
C ASP A 315 16.82 10.19 -7.39
N ALA A 316 16.21 11.28 -6.92
CA ALA A 316 16.86 12.16 -5.96
C ALA A 316 17.06 11.49 -4.61
N PHE A 317 16.09 10.66 -4.20
CA PHE A 317 16.22 9.97 -2.92
CA PHE A 317 16.17 9.92 -2.92
C PHE A 317 17.37 8.96 -2.94
N VAL A 318 17.52 8.23 -4.04
CA VAL A 318 18.65 7.31 -4.18
C VAL A 318 19.97 8.09 -4.29
N ARG A 319 19.94 9.14 -5.10
CA ARG A 319 21.12 9.99 -5.34
C ARG A 319 21.70 10.56 -4.04
N ILE A 320 20.84 11.06 -3.15
CA ILE A 320 21.30 11.71 -1.91
C ILE A 320 21.51 10.72 -0.76
N LEU A 321 20.55 9.81 -0.58
CA LEU A 321 20.61 8.90 0.56
C LEU A 321 21.46 7.65 0.30
N GLN A 322 21.62 7.27 -0.97
CA GLN A 322 22.38 6.05 -1.33
CA GLN A 322 22.36 6.05 -1.34
C GLN A 322 23.31 6.31 -2.52
N PRO A 323 24.23 7.28 -2.37
CA PRO A 323 25.12 7.64 -3.48
C PRO A 323 25.91 6.46 -4.05
N GLU A 324 26.34 5.54 -3.18
CA GLU A 324 27.08 4.36 -3.63
C GLU A 324 26.26 3.47 -4.58
N ARG A 325 24.97 3.35 -4.31
CA ARG A 325 24.08 2.51 -5.12
C ARG A 325 23.58 3.19 -6.40
N TYR A 326 23.76 4.50 -6.50
CA TYR A 326 23.08 5.32 -7.51
C TYR A 326 23.39 4.91 -8.96
N ASP A 327 24.67 4.75 -9.28
CA ASP A 327 25.09 4.43 -10.66
C ASP A 327 24.47 3.13 -11.17
N LEU A 328 24.67 2.04 -10.43
CA LEU A 328 24.09 0.74 -10.79
C LEU A 328 22.56 0.79 -10.86
N TRP A 329 21.94 1.47 -9.91
CA TRP A 329 20.48 1.60 -9.90
C TRP A 329 20.01 2.32 -11.14
N LYS A 330 20.73 3.38 -11.52
CA LYS A 330 20.37 4.18 -12.68
C LYS A 330 20.47 3.40 -14.00
N ARG A 331 21.40 2.45 -14.07
CA ARG A 331 21.54 1.57 -15.24
C ARG A 331 20.31 0.67 -15.41
N GLY A 332 19.76 0.18 -14.30
CA GLY A 332 18.54 -0.63 -14.32
C GLY A 332 17.36 0.13 -14.88
N GLN A 333 17.26 1.42 -14.53
CA GLN A 333 16.20 2.29 -15.03
C GLN A 333 16.41 2.57 -16.52
ZN ZN B . 14.09 -6.22 -9.94
CO CO C . 1.87 -0.12 -0.15
O N5J D . -5.06 -0.67 -1.86
C1 N5J D . -4.00 -0.82 -2.51
N1 N5J D . -4.02 -1.03 -3.89
C2 N5J D . -2.89 -1.20 -4.60
N2 N5J D . -1.70 -1.19 -4.10
C3 N5J D . -1.57 -0.99 -2.73
N3 N5J D . -0.08 -0.80 -0.85
C4 N5J D . -0.30 -0.98 -2.16
C5 N5J D . -1.14 -0.62 -0.07
C6 N5J D . -2.45 -0.62 -0.52
C7 N5J D . -2.67 -0.81 -1.89
S SO4 E . -15.64 -17.04 -5.11
O1 SO4 E . -16.83 -17.90 -5.18
O2 SO4 E . -14.62 -17.53 -6.06
O3 SO4 E . -15.08 -17.07 -3.74
O4 SO4 E . -16.01 -15.65 -5.46
S SO4 F . -19.58 16.59 -4.26
O1 SO4 F . -19.13 16.04 -5.55
O2 SO4 F . -19.57 18.07 -4.33
O3 SO4 F . -18.67 16.15 -3.17
O4 SO4 F . -20.95 16.12 -3.97
S SO4 G . -16.33 -22.05 -1.16
O1 SO4 G . -16.99 -21.27 -0.07
O2 SO4 G . -15.42 -23.03 -0.54
O3 SO4 G . -15.56 -21.12 -2.02
O4 SO4 G . -17.35 -22.74 -1.97
S SO4 H . -24.11 -0.22 -11.24
O1 SO4 H . -23.52 -1.49 -10.75
O2 SO4 H . -23.97 -0.12 -12.71
O3 SO4 H . -23.43 0.92 -10.57
O4 SO4 H . -25.56 -0.18 -10.89
S SO4 I . -21.32 -13.91 12.17
O1 SO4 I . -21.45 -15.23 12.83
O2 SO4 I . -21.75 -14.02 10.77
O3 SO4 I . -19.91 -13.47 12.23
O4 SO4 I . -22.17 -12.92 12.87
S SO4 J . 16.87 1.32 11.11
O1 SO4 J . 18.24 0.81 11.29
O2 SO4 J . 16.51 1.27 9.66
O3 SO4 J . 16.77 2.72 11.58
O4 SO4 J . 15.91 0.48 11.87
S SO4 K . 1.02 4.92 -3.11
O1 SO4 K . 2.27 4.65 -3.85
O2 SO4 K . 0.33 6.06 -3.77
O3 SO4 K . 1.34 5.27 -1.70
O4 SO4 K . 0.16 3.73 -3.13
#